data_7WKJ
#
_entry.id   7WKJ
#
_cell.length_a   43.984
_cell.length_b   81.902
_cell.length_c   116.839
_cell.angle_alpha   90.000
_cell.angle_beta   90.000
_cell.angle_gamma   90.000
#
_symmetry.space_group_name_H-M   'P 2 21 21'
#
loop_
_entity.id
_entity.type
_entity.pdbx_description
1 polymer 'MHC class I antigen'
2 polymer Beta-2-microglobulin
3 polymer LYS-THR-PHE-PRO-PRO-THR-GLU-PRO-LYS
4 water water
#
loop_
_entity_poly.entity_id
_entity_poly.type
_entity_poly.pdbx_seq_one_letter_code
_entity_poly.pdbx_strand_id
1 'polypeptide(L)'
;GSHSMRYFYTSVSRPGRGEPRFIAVGYVDDTQFVRFDSDAASQRMEPRAPWIEQEGPEYWDQETRNVKAQSQTDRVDLGT
LRGYYNQSEDGSHTIQIMYGCDVGPDGRFLRGYRQDAYDGKDYIALNEDLRSWTAADMAAQITKRKWEAAHAAEQQRAYL
EGRCVEWLRRYLENGKETLQRTDPPKTHMTHHPISDHEATLRCWALGFYPAEITLTWQRDGEDQTQDTELVETRPAGDGT
FQKWAAVVVPSGEEQRYTCHVQHEGLPKPLTLRW
;
A
2 'polypeptide(L)'
;IQRTPKIQVYSRHPAENGKSNFLNCYVSGFHPSDIEVDLLKNGERIEKVEHSDLSFSKDWSFYLLYYTEFTPTEKDEYAC
RVNHVTLSQPKIVKWDRDM
;
B
3 'polypeptide(L)' KTFPPTEPK C
#
# COMPACT_ATOMS: atom_id res chain seq x y z
N GLY A 1 1.50 -2.09 -19.41
CA GLY A 1 1.72 -0.93 -20.25
C GLY A 1 1.39 0.38 -19.56
N SER A 2 0.46 0.36 -18.61
CA SER A 2 0.03 1.55 -17.89
C SER A 2 0.90 1.77 -16.67
N HIS A 3 1.08 3.04 -16.29
CA HIS A 3 2.00 3.39 -15.22
C HIS A 3 1.45 4.57 -14.43
N SER A 4 2.02 4.78 -13.25
CA SER A 4 1.58 5.84 -12.37
C SER A 4 2.75 6.31 -11.51
N MET A 5 2.67 7.56 -11.06
CA MET A 5 3.54 8.07 -10.02
C MET A 5 2.67 8.66 -8.93
N ARG A 6 2.98 8.35 -7.67
CA ARG A 6 2.17 8.82 -6.56
C ARG A 6 3.09 9.26 -5.43
N TYR A 7 2.68 10.30 -4.71
CA TYR A 7 3.33 10.65 -3.45
C TYR A 7 2.31 10.59 -2.32
N PHE A 8 2.76 10.15 -1.15
CA PHE A 8 1.93 10.03 0.05
C PHE A 8 2.62 10.77 1.17
N TYR A 9 1.90 11.67 1.83
CA TYR A 9 2.42 12.39 2.97
C TYR A 9 1.55 12.05 4.17
N THR A 10 2.20 11.84 5.31
CA THR A 10 1.50 11.67 6.59
C THR A 10 2.19 12.55 7.63
N SER A 11 1.45 13.45 8.25
CA SER A 11 1.94 14.23 9.39
C SER A 11 1.10 13.88 10.61
N VAL A 12 1.76 13.57 11.73
CA VAL A 12 1.09 13.19 12.97
C VAL A 12 1.58 14.09 14.08
N SER A 13 0.70 14.88 14.67
CA SER A 13 1.16 15.78 15.72
C SER A 13 1.51 15.00 16.99
N ARG A 14 2.38 15.61 17.79
CA ARG A 14 2.92 14.98 18.99
C ARG A 14 2.59 15.85 20.18
N PRO A 15 1.80 15.37 21.14
CA PRO A 15 1.51 16.16 22.34
C PRO A 15 2.71 16.40 23.22
N GLY A 16 3.88 15.87 22.87
CA GLY A 16 5.07 16.04 23.65
C GLY A 16 6.01 17.09 23.11
N ARG A 17 6.46 16.93 21.87
CA ARG A 17 7.38 17.87 21.26
C ARG A 17 6.65 19.08 20.72
N GLY A 18 6.25 18.98 19.46
CA GLY A 18 5.90 20.11 18.65
C GLY A 18 6.04 19.64 17.22
N GLU A 19 7.29 19.49 16.74
CA GLU A 19 7.56 18.96 15.41
C GLU A 19 6.79 17.68 15.23
N PRO A 20 5.71 17.70 14.43
CA PRO A 20 5.00 16.46 14.13
C PRO A 20 5.92 15.51 13.41
N ARG A 21 5.57 14.22 13.46
CA ARG A 21 6.23 13.23 12.61
C ARG A 21 5.74 13.46 11.18
N PHE A 22 6.65 13.64 10.24
CA PHE A 22 6.29 13.76 8.83
C PHE A 22 6.97 12.65 8.04
N ILE A 23 6.21 11.88 7.28
CA ILE A 23 6.73 10.82 6.42
C ILE A 23 6.19 11.04 5.02
N ALA A 24 7.09 11.18 4.05
CA ALA A 24 6.71 11.27 2.65
C ALA A 24 7.27 10.06 1.93
N VAL A 25 6.46 9.42 1.09
CA VAL A 25 6.88 8.27 0.29
C VAL A 25 6.48 8.49 -1.16
N GLY A 26 7.41 8.28 -2.07
CA GLY A 26 7.13 8.33 -3.49
C GLY A 26 7.05 6.93 -4.07
N TYR A 27 6.11 6.74 -4.99
CA TYR A 27 5.97 5.51 -5.72
C TYR A 27 6.10 5.79 -7.21
N VAL A 28 6.79 4.92 -7.92
CA VAL A 28 6.51 4.70 -9.33
C VAL A 28 5.84 3.34 -9.42
N ASP A 29 4.64 3.32 -10.00
CA ASP A 29 3.78 2.14 -9.97
C ASP A 29 3.61 1.67 -8.53
N ASP A 30 3.95 0.42 -8.22
CA ASP A 30 3.85 -0.06 -6.86
C ASP A 30 5.19 -0.13 -6.14
N THR A 31 6.20 0.56 -6.65
CA THR A 31 7.54 0.53 -6.10
C THR A 31 7.83 1.84 -5.37
N GLN A 32 8.02 1.77 -4.05
CA GLN A 32 8.53 2.91 -3.32
C GLN A 32 9.94 3.23 -3.78
N PHE A 33 10.17 4.49 -4.18
CA PHE A 33 11.47 4.85 -4.73
C PHE A 33 12.17 5.98 -4.00
N VAL A 34 11.46 6.78 -3.20
CA VAL A 34 12.05 7.83 -2.40
C VAL A 34 11.26 7.89 -1.11
N ARG A 35 11.91 8.32 -0.03
CA ARG A 35 11.25 8.56 1.24
C ARG A 35 11.91 9.71 1.97
N PHE A 36 11.12 10.39 2.80
CA PHE A 36 11.61 11.34 3.76
C PHE A 36 10.91 11.01 5.08
N ASP A 37 11.68 10.95 6.16
CA ASP A 37 11.12 10.73 7.48
C ASP A 37 11.77 11.74 8.41
N SER A 38 10.95 12.67 8.94
CA SER A 38 11.50 13.71 9.80
C SER A 38 12.22 13.16 11.02
N ASP A 39 11.88 11.94 11.45
CA ASP A 39 12.60 11.30 12.56
C ASP A 39 14.03 10.91 12.18
N ALA A 40 14.31 10.71 10.90
CA ALA A 40 15.61 10.18 10.51
C ALA A 40 16.71 11.23 10.67
N ALA A 41 17.95 10.75 10.77
CA ALA A 41 19.07 11.66 10.98
C ALA A 41 19.42 12.45 9.74
N SER A 42 19.18 11.89 8.55
CA SER A 42 19.68 12.51 7.33
C SER A 42 19.03 13.87 7.08
N GLN A 43 17.74 14.00 7.38
CA GLN A 43 16.95 15.18 7.03
C GLN A 43 16.99 15.45 5.53
N ARG A 44 17.04 14.38 4.76
CA ARG A 44 17.10 14.45 3.32
C ARG A 44 16.09 13.47 2.77
N MET A 45 15.57 13.80 1.58
CA MET A 45 14.93 12.77 0.79
C MET A 45 15.96 11.72 0.42
N GLU A 46 15.62 10.44 0.59
CA GLU A 46 16.57 9.36 0.39
C GLU A 46 16.07 8.38 -0.68
N PRO A 47 16.97 7.74 -1.40
CA PRO A 47 16.55 6.73 -2.38
C PRO A 47 16.10 5.44 -1.72
N ARG A 48 15.11 4.80 -2.35
CA ARG A 48 14.58 3.53 -1.89
C ARG A 48 14.47 2.50 -3.00
N ALA A 49 14.86 2.85 -4.23
CA ALA A 49 14.94 1.93 -5.34
C ALA A 49 16.30 2.10 -5.99
N PRO A 50 16.91 1.01 -6.48
CA PRO A 50 18.23 1.14 -7.12
C PRO A 50 18.25 2.13 -8.26
N TRP A 51 17.19 2.19 -9.08
CA TRP A 51 17.24 3.00 -10.29
C TRP A 51 17.18 4.49 -10.03
N ILE A 52 16.77 4.91 -8.83
CA ILE A 52 16.71 6.35 -8.53
C ILE A 52 18.05 6.90 -8.07
N GLU A 53 19.01 6.04 -7.73
CA GLU A 53 20.35 6.52 -7.44
C GLU A 53 21.01 7.13 -8.67
N GLN A 54 20.49 6.84 -9.87
CA GLN A 54 20.99 7.46 -11.10
C GLN A 54 20.66 8.95 -11.19
N GLU A 55 19.87 9.49 -10.28
CA GLU A 55 19.54 10.91 -10.29
C GLU A 55 20.64 11.71 -9.58
N GLY A 56 20.92 12.90 -10.11
CA GLY A 56 22.05 13.66 -9.65
C GLY A 56 21.78 14.37 -8.33
N PRO A 57 22.79 15.13 -7.88
CA PRO A 57 22.62 15.88 -6.62
C PRO A 57 21.67 17.06 -6.74
N GLU A 58 21.58 17.69 -7.93
CA GLU A 58 20.52 18.66 -8.17
C GLU A 58 19.18 18.10 -7.74
N TYR A 59 18.92 16.85 -8.10
CA TYR A 59 17.66 16.20 -7.79
C TYR A 59 17.41 16.16 -6.29
N TRP A 60 18.37 15.61 -5.52
CA TRP A 60 18.13 15.39 -4.10
C TRP A 60 18.00 16.70 -3.33
N ASP A 61 18.64 17.77 -3.81
CA ASP A 61 18.47 19.07 -3.18
C ASP A 61 17.07 19.61 -3.41
N GLN A 62 16.57 19.51 -4.65
CA GLN A 62 15.24 20.02 -4.96
C GLN A 62 14.16 19.25 -4.21
N GLU A 63 14.33 17.93 -4.10
CA GLU A 63 13.32 17.10 -3.45
C GLU A 63 13.32 17.30 -1.94
N THR A 64 14.50 17.32 -1.32
CA THR A 64 14.58 17.55 0.12
C THR A 64 13.98 18.90 0.49
N ARG A 65 14.29 19.94 -0.29
CA ARG A 65 13.75 21.27 -0.03
C ARG A 65 12.23 21.25 -0.05
N ASN A 66 11.66 20.60 -1.06
CA ASN A 66 10.21 20.58 -1.24
C ASN A 66 9.51 19.90 -0.07
N VAL A 67 9.95 18.67 0.26
CA VAL A 67 9.24 17.92 1.29
C VAL A 67 9.43 18.53 2.67
N LYS A 68 10.59 19.12 2.95
CA LYS A 68 10.74 19.83 4.20
C LYS A 68 9.74 20.98 4.29
N ALA A 69 9.57 21.74 3.20
CA ALA A 69 8.60 22.82 3.21
C ALA A 69 7.19 22.27 3.39
N GLN A 70 6.88 21.17 2.72
CA GLN A 70 5.57 20.52 2.91
C GLN A 70 5.35 20.14 4.37
N SER A 71 6.37 19.57 5.02
CA SER A 71 6.22 19.23 6.42
C SER A 71 5.90 20.46 7.26
N GLN A 72 6.49 21.61 6.89
CA GLN A 72 6.22 22.85 7.60
C GLN A 72 4.79 23.34 7.35
N THR A 73 4.33 23.21 6.10
CA THR A 73 2.93 23.51 5.80
C THR A 73 2.00 22.62 6.61
N ASP A 74 2.27 21.32 6.63
CA ASP A 74 1.43 20.43 7.43
C ASP A 74 1.42 20.83 8.90
N ARG A 75 2.55 21.31 9.43
CA ARG A 75 2.60 21.70 10.84
C ARG A 75 1.67 22.88 11.11
N VAL A 76 1.67 23.88 10.22
CA VAL A 76 0.77 25.01 10.35
C VAL A 76 -0.66 24.53 10.19
N ASP A 77 -0.90 23.65 9.21
CA ASP A 77 -2.24 23.13 8.94
C ASP A 77 -2.81 22.37 10.13
N LEU A 78 -1.97 21.59 10.83
CA LEU A 78 -2.46 20.93 12.02
C LEU A 78 -2.98 21.94 13.03
N GLY A 79 -2.30 23.08 13.18
CA GLY A 79 -2.80 24.11 14.06
C GLY A 79 -4.08 24.75 13.54
N THR A 80 -4.11 25.06 12.25
CA THR A 80 -5.31 25.68 11.69
C THR A 80 -6.52 24.79 11.88
N LEU A 81 -6.37 23.49 11.59
CA LEU A 81 -7.51 22.57 11.70
C LEU A 81 -7.91 22.34 13.15
N ARG A 82 -6.93 22.26 14.06
CA ARG A 82 -7.27 22.22 15.49
C ARG A 82 -8.17 23.39 15.85
N GLY A 83 -7.89 24.57 15.28
CA GLY A 83 -8.72 25.72 15.55
C GLY A 83 -10.11 25.62 14.93
N TYR A 84 -10.17 25.21 13.66
CA TYR A 84 -11.48 25.05 13.01
C TYR A 84 -12.37 24.14 13.84
N TYR A 85 -11.79 23.05 14.36
CA TYR A 85 -12.58 22.03 15.04
C TYR A 85 -12.69 22.25 16.54
N ASN A 86 -12.12 23.33 17.05
CA ASN A 86 -12.19 23.66 18.48
C ASN A 86 -11.60 22.54 19.34
N GLN A 87 -10.50 21.95 18.87
CA GLN A 87 -9.88 20.84 19.57
C GLN A 87 -8.78 21.33 20.51
N SER A 88 -8.52 20.55 21.55
CA SER A 88 -7.48 20.93 22.50
C SER A 88 -6.09 20.67 21.92
N GLU A 89 -5.10 21.33 22.50
CA GLU A 89 -3.71 21.17 22.12
C GLU A 89 -3.13 19.83 22.58
N ASP A 90 -3.87 19.02 23.32
CA ASP A 90 -3.31 17.84 23.98
C ASP A 90 -3.38 16.57 23.15
N GLY A 91 -4.29 16.48 22.18
CA GLY A 91 -4.44 15.25 21.42
C GLY A 91 -3.51 15.18 20.20
N SER A 92 -3.26 13.96 19.76
CA SER A 92 -2.55 13.73 18.51
C SER A 92 -3.56 13.72 17.37
N HIS A 93 -3.17 14.32 16.25
CA HIS A 93 -4.02 14.38 15.07
C HIS A 93 -3.16 14.10 13.86
N THR A 94 -3.80 13.66 12.77
CA THR A 94 -3.11 13.20 11.57
C THR A 94 -3.66 13.91 10.34
N ILE A 95 -2.76 14.45 9.52
CA ILE A 95 -3.10 14.88 8.17
C ILE A 95 -2.46 13.91 7.19
N GLN A 96 -3.23 13.49 6.19
CA GLN A 96 -2.74 12.65 5.11
C GLN A 96 -3.01 13.34 3.78
N ILE A 97 -2.06 13.26 2.86
CA ILE A 97 -2.21 13.84 1.52
C ILE A 97 -1.67 12.83 0.54
N MET A 98 -2.39 12.59 -0.54
CA MET A 98 -1.83 11.84 -1.65
C MET A 98 -2.16 12.53 -2.96
N TYR A 99 -1.24 12.39 -3.93
CA TYR A 99 -1.53 12.90 -5.27
C TYR A 99 -0.73 12.08 -6.28
N GLY A 100 -1.10 12.19 -7.53
CA GLY A 100 -0.31 11.51 -8.54
C GLY A 100 -0.99 11.47 -9.88
N CYS A 101 -0.27 10.89 -10.85
CA CYS A 101 -0.72 10.86 -12.23
C CYS A 101 -0.67 9.43 -12.77
N ASP A 102 -1.62 9.11 -13.64
CA ASP A 102 -1.66 7.85 -14.34
C ASP A 102 -1.44 8.13 -15.81
N VAL A 103 -0.71 7.23 -16.47
CA VAL A 103 -0.57 7.29 -17.94
C VAL A 103 -1.03 5.96 -18.52
N GLY A 104 -1.57 6.04 -19.73
CA GLY A 104 -2.02 4.85 -20.43
C GLY A 104 -0.88 4.14 -21.14
N PRO A 105 -1.22 3.11 -21.92
CA PRO A 105 -0.16 2.35 -22.61
C PRO A 105 0.68 3.20 -23.56
N ASP A 106 0.10 4.22 -24.17
CA ASP A 106 0.82 5.11 -25.08
C ASP A 106 1.68 6.13 -24.35
N GLY A 107 1.70 6.12 -23.01
CA GLY A 107 2.52 7.05 -22.26
C GLY A 107 1.94 8.42 -22.05
N ARG A 108 0.70 8.66 -22.46
CA ARG A 108 0.08 9.96 -22.36
C ARG A 108 -0.74 10.04 -21.08
N PHE A 109 -0.85 11.26 -20.55
CA PHE A 109 -1.63 11.50 -19.34
C PHE A 109 -3.03 10.92 -19.49
N LEU A 110 -3.45 10.14 -18.50
CA LEU A 110 -4.76 9.54 -18.47
C LEU A 110 -5.67 10.15 -17.42
N ARG A 111 -5.16 10.34 -16.20
CA ARG A 111 -5.96 10.86 -15.10
C ARG A 111 -5.02 11.34 -14.01
N GLY A 112 -5.53 12.24 -13.17
CA GLY A 112 -4.77 12.73 -12.05
C GLY A 112 -5.63 12.68 -10.79
N TYR A 113 -4.95 12.69 -9.64
CA TYR A 113 -5.61 12.61 -8.35
C TYR A 113 -4.92 13.53 -7.35
N ARG A 114 -5.72 14.08 -6.42
CA ARG A 114 -5.15 14.77 -5.26
C ARG A 114 -6.21 14.73 -4.17
N GLN A 115 -5.89 14.20 -2.99
CA GLN A 115 -6.88 14.18 -1.93
C GLN A 115 -6.22 14.29 -0.58
N ASP A 116 -6.90 14.99 0.34
CA ASP A 116 -6.34 15.28 1.66
C ASP A 116 -7.33 14.86 2.72
N ALA A 117 -6.81 14.40 3.86
CA ALA A 117 -7.63 13.89 4.95
C ALA A 117 -7.18 14.47 6.29
N TYR A 118 -8.12 14.49 7.24
CA TYR A 118 -7.81 14.85 8.62
C TYR A 118 -8.38 13.77 9.52
N ASP A 119 -7.55 13.23 10.40
CA ASP A 119 -7.96 12.21 11.34
C ASP A 119 -8.66 11.03 10.65
N GLY A 120 -8.12 10.64 9.51
CA GLY A 120 -8.55 9.44 8.83
C GLY A 120 -9.85 9.54 8.08
N LYS A 121 -10.37 10.74 7.90
CA LYS A 121 -11.60 11.00 7.17
C LYS A 121 -11.32 11.99 6.06
N ASP A 122 -12.08 11.88 4.97
CA ASP A 122 -11.99 12.84 3.90
C ASP A 122 -12.03 14.26 4.47
N TYR A 123 -11.17 15.13 3.93
CA TYR A 123 -11.21 16.55 4.26
C TYR A 123 -11.50 17.36 3.00
N ILE A 124 -10.57 17.38 2.04
CA ILE A 124 -10.82 18.07 0.78
C ILE A 124 -10.13 17.27 -0.31
N ALA A 125 -10.74 17.23 -1.49
CA ALA A 125 -10.18 16.44 -2.59
C ALA A 125 -10.40 17.18 -3.90
N LEU A 126 -9.46 17.00 -4.81
CA LEU A 126 -9.61 17.54 -6.16
C LEU A 126 -10.57 16.66 -6.94
N ASN A 127 -11.46 17.29 -7.70
CA ASN A 127 -12.43 16.52 -8.44
C ASN A 127 -11.76 15.87 -9.66
N GLU A 128 -12.51 14.97 -10.30
CA GLU A 128 -11.97 14.21 -11.42
C GLU A 128 -11.52 15.13 -12.56
N ASP A 129 -12.24 16.23 -12.77
CA ASP A 129 -11.91 17.19 -13.81
C ASP A 129 -10.63 17.96 -13.53
N LEU A 130 -10.09 17.87 -12.32
CA LEU A 130 -8.91 18.61 -11.89
C LEU A 130 -9.13 20.12 -11.85
N ARG A 131 -10.38 20.57 -11.76
CA ARG A 131 -10.68 22.00 -11.81
C ARG A 131 -11.45 22.51 -10.60
N SER A 132 -11.94 21.64 -9.73
CA SER A 132 -12.72 22.07 -8.58
C SER A 132 -12.43 21.15 -7.40
N TRP A 133 -12.85 21.57 -6.22
CA TRP A 133 -12.62 20.82 -5.00
C TRP A 133 -13.94 20.34 -4.40
N THR A 134 -13.87 19.19 -3.71
CA THR A 134 -14.97 18.69 -2.88
C THR A 134 -14.54 18.78 -1.43
N ALA A 135 -15.30 19.53 -0.64
CA ALA A 135 -15.05 19.71 0.79
C ALA A 135 -16.03 18.83 1.55
N ALA A 136 -15.51 18.02 2.48
CA ALA A 136 -16.35 17.07 3.21
C ALA A 136 -17.21 17.74 4.28
N ASP A 137 -16.77 18.87 4.83
CA ASP A 137 -17.47 19.50 5.93
C ASP A 137 -17.27 21.01 5.88
N MET A 138 -17.82 21.69 6.89
CA MET A 138 -17.81 23.15 6.90
C MET A 138 -16.41 23.72 7.09
N ALA A 139 -15.55 23.01 7.85
CA ALA A 139 -14.16 23.45 7.95
C ALA A 139 -13.47 23.38 6.60
N ALA A 140 -13.58 22.23 5.92
CA ALA A 140 -12.96 22.11 4.61
C ALA A 140 -13.55 23.08 3.60
N GLN A 141 -14.78 23.55 3.82
CA GLN A 141 -15.33 24.59 2.97
C GLN A 141 -14.56 25.90 3.10
N ILE A 142 -14.05 26.20 4.29
CA ILE A 142 -13.17 27.36 4.45
C ILE A 142 -11.90 27.14 3.64
N THR A 143 -11.30 25.97 3.78
CA THR A 143 -10.11 25.67 2.98
C THR A 143 -10.40 25.81 1.49
N LYS A 144 -11.53 25.29 1.04
CA LYS A 144 -11.90 25.39 -0.38
C LYS A 144 -11.97 26.83 -0.85
N ARG A 145 -12.57 27.71 -0.04
CA ARG A 145 -12.62 29.11 -0.41
C ARG A 145 -11.23 29.74 -0.46
N LYS A 146 -10.36 29.39 0.49
CA LYS A 146 -8.98 29.86 0.41
C LYS A 146 -8.30 29.38 -0.86
N TRP A 147 -8.50 28.11 -1.22
CA TRP A 147 -7.79 27.54 -2.35
C TRP A 147 -8.35 28.06 -3.67
N GLU A 148 -9.64 28.40 -3.67
CA GLU A 148 -10.19 29.07 -4.84
C GLU A 148 -9.56 30.44 -5.04
N ALA A 149 -9.24 31.13 -3.94
CA ALA A 149 -8.63 32.45 -4.08
C ALA A 149 -7.21 32.40 -4.61
N ALA A 150 -6.50 31.30 -4.35
CA ALA A 150 -5.09 31.21 -4.73
C ALA A 150 -4.85 30.27 -5.89
N HIS A 151 -5.90 29.87 -6.62
CA HIS A 151 -5.74 29.09 -7.84
C HIS A 151 -5.01 27.79 -7.58
N ALA A 152 -5.32 27.18 -6.43
CA ALA A 152 -4.65 25.94 -6.05
C ALA A 152 -4.99 24.80 -6.99
N ALA A 153 -6.21 24.77 -7.51
CA ALA A 153 -6.59 23.70 -8.43
C ALA A 153 -5.79 23.79 -9.72
N GLU A 154 -5.69 25.00 -10.29
CA GLU A 154 -4.91 25.21 -11.50
C GLU A 154 -3.45 24.81 -11.31
N GLN A 155 -2.87 25.13 -10.16
CA GLN A 155 -1.49 24.73 -9.91
C GLN A 155 -1.36 23.21 -9.82
N GLN A 156 -2.29 22.57 -9.11
CA GLN A 156 -2.21 21.12 -8.99
C GLN A 156 -2.41 20.45 -10.33
N ARG A 157 -3.35 20.97 -11.14
CA ARG A 157 -3.63 20.35 -12.44
C ARG A 157 -2.43 20.48 -13.36
N ALA A 158 -1.79 21.64 -13.37
CA ALA A 158 -0.62 21.85 -14.21
C ALA A 158 0.50 20.88 -13.87
N TYR A 159 0.71 20.61 -12.59
CA TYR A 159 1.70 19.60 -12.20
C TYR A 159 1.25 18.22 -12.66
N LEU A 160 -0.01 17.88 -12.42
CA LEU A 160 -0.48 16.52 -12.70
C LEU A 160 -0.35 16.17 -14.18
N GLU A 161 -0.72 17.11 -15.05
CA GLU A 161 -0.69 16.88 -16.50
C GLU A 161 0.69 17.15 -17.10
N GLY A 162 1.58 17.81 -16.37
CA GLY A 162 2.89 18.17 -16.88
C GLY A 162 4.04 17.49 -16.18
N ARG A 163 4.63 18.17 -15.19
CA ARG A 163 5.83 17.68 -14.53
C ARG A 163 5.67 16.26 -13.98
N CYS A 164 4.46 15.91 -13.52
CA CYS A 164 4.21 14.56 -13.02
C CYS A 164 4.42 13.52 -14.12
N VAL A 165 3.85 13.78 -15.30
CA VAL A 165 3.99 12.85 -16.41
C VAL A 165 5.42 12.85 -16.93
N GLU A 166 6.03 14.04 -16.99
CA GLU A 166 7.40 14.15 -17.50
C GLU A 166 8.37 13.34 -16.65
N TRP A 167 8.31 13.51 -15.32
CA TRP A 167 9.25 12.77 -14.48
C TRP A 167 8.89 11.30 -14.35
N LEU A 168 7.60 10.95 -14.38
CA LEU A 168 7.23 9.54 -14.43
C LEU A 168 7.85 8.86 -15.63
N ARG A 169 7.78 9.50 -16.80
CA ARG A 169 8.42 8.97 -17.99
C ARG A 169 9.92 8.84 -17.80
N ARG A 170 10.55 9.84 -17.18
CA ARG A 170 11.99 9.76 -16.94
C ARG A 170 12.36 8.61 -16.01
N TYR A 171 11.60 8.42 -14.92
CA TYR A 171 11.91 7.33 -14.00
C TYR A 171 11.73 5.98 -14.66
N LEU A 172 10.68 5.83 -15.47
CA LEU A 172 10.45 4.56 -16.17
C LEU A 172 11.62 4.22 -17.08
N GLU A 173 12.26 5.22 -17.66
CA GLU A 173 13.46 4.98 -18.45
C GLU A 173 14.71 4.77 -17.60
N ASN A 174 14.71 5.28 -16.35
CA ASN A 174 15.78 4.98 -15.40
C ASN A 174 15.70 3.54 -14.91
N GLY A 175 14.50 2.98 -14.78
CA GLY A 175 14.34 1.62 -14.27
C GLY A 175 14.53 0.60 -15.38
N LYS A 176 15.19 -0.50 -15.02
CA LYS A 176 15.53 -1.53 -16.02
C LYS A 176 15.22 -2.94 -15.50
N GLU A 177 16.18 -3.61 -14.86
CA GLU A 177 15.86 -4.83 -14.14
C GLU A 177 15.07 -4.53 -12.88
N THR A 178 15.23 -3.34 -12.32
CA THR A 178 14.62 -3.05 -11.04
C THR A 178 13.17 -2.66 -11.18
N LEU A 179 12.78 -2.15 -12.34
CA LEU A 179 11.41 -1.69 -12.57
C LEU A 179 10.55 -2.91 -12.86
N GLN A 180 9.64 -3.23 -11.94
CA GLN A 180 8.76 -4.38 -12.12
C GLN A 180 7.92 -4.22 -13.39
N ARG A 181 7.93 -5.23 -14.23
CA ARG A 181 7.17 -5.27 -15.48
C ARG A 181 5.98 -6.21 -15.30
N THR A 182 5.02 -6.13 -16.24
CA THR A 182 3.89 -7.06 -16.25
C THR A 182 4.39 -8.49 -16.19
N ASP A 183 3.78 -9.28 -15.30
CA ASP A 183 4.24 -10.62 -14.99
C ASP A 183 2.99 -11.44 -14.75
N PRO A 184 2.67 -12.43 -15.58
CA PRO A 184 1.41 -13.16 -15.42
C PRO A 184 1.47 -14.05 -14.18
N PRO A 185 0.31 -14.38 -13.62
CA PRO A 185 0.29 -15.25 -12.43
C PRO A 185 0.70 -16.68 -12.76
N LYS A 186 1.53 -17.24 -11.88
CA LYS A 186 1.81 -18.67 -11.86
C LYS A 186 0.78 -19.32 -10.95
N THR A 187 0.05 -20.31 -11.46
CA THR A 187 -1.09 -20.86 -10.75
C THR A 187 -0.88 -22.33 -10.39
N HIS A 188 -1.49 -22.74 -9.28
CA HIS A 188 -1.54 -24.14 -8.92
C HIS A 188 -2.70 -24.33 -7.96
N MET A 189 -3.13 -25.58 -7.82
CA MET A 189 -4.23 -25.96 -6.93
C MET A 189 -3.68 -26.78 -5.78
N THR A 190 -4.17 -26.52 -4.58
CA THR A 190 -3.96 -27.45 -3.48
C THR A 190 -5.30 -28.04 -3.06
N HIS A 191 -5.22 -29.18 -2.37
CA HIS A 191 -6.41 -29.95 -2.04
C HIS A 191 -6.24 -30.56 -0.66
N HIS A 192 -7.15 -30.25 0.25
CA HIS A 192 -7.04 -30.67 1.65
C HIS A 192 -8.36 -31.33 2.07
N PRO A 193 -8.40 -32.65 2.19
CA PRO A 193 -9.58 -33.30 2.79
C PRO A 193 -9.80 -32.80 4.20
N ILE A 194 -11.04 -32.46 4.51
CA ILE A 194 -11.45 -31.94 5.80
C ILE A 194 -12.06 -33.03 6.65
N SER A 195 -12.99 -33.77 6.07
CA SER A 195 -13.79 -34.75 6.78
C SER A 195 -13.91 -35.96 5.88
N ASP A 196 -14.66 -36.96 6.34
CA ASP A 196 -14.96 -38.06 5.44
C ASP A 196 -15.75 -37.60 4.22
N HIS A 197 -16.22 -36.34 4.21
CA HIS A 197 -17.11 -35.90 3.14
C HIS A 197 -16.86 -34.51 2.56
N GLU A 198 -16.01 -33.66 3.14
CA GLU A 198 -15.70 -32.37 2.53
C GLU A 198 -14.20 -32.23 2.27
N ALA A 199 -13.87 -31.35 1.32
CA ALA A 199 -12.47 -31.03 1.06
C ALA A 199 -12.36 -29.56 0.69
N THR A 200 -11.22 -28.97 0.99
CA THR A 200 -10.92 -27.61 0.60
C THR A 200 -10.09 -27.64 -0.69
N LEU A 201 -10.52 -26.90 -1.70
CA LEU A 201 -9.71 -26.60 -2.87
C LEU A 201 -9.20 -25.18 -2.71
N ARG A 202 -7.89 -24.98 -2.87
CA ARG A 202 -7.30 -23.64 -2.80
C ARG A 202 -6.57 -23.35 -4.10
N CYS A 203 -7.05 -22.34 -4.81
CA CYS A 203 -6.52 -21.89 -6.09
C CYS A 203 -5.52 -20.77 -5.84
N TRP A 204 -4.26 -20.98 -6.22
CA TRP A 204 -3.18 -20.02 -5.94
C TRP A 204 -2.78 -19.25 -7.19
N ALA A 205 -2.60 -17.94 -7.04
CA ALA A 205 -1.92 -17.12 -8.05
C ALA A 205 -0.71 -16.47 -7.40
N LEU A 206 0.47 -16.69 -7.97
CA LEU A 206 1.71 -16.18 -7.41
C LEU A 206 2.53 -15.48 -8.47
N GLY A 207 3.39 -14.56 -8.02
CA GLY A 207 4.38 -13.94 -8.88
C GLY A 207 3.84 -13.01 -9.94
N PHE A 208 2.71 -12.36 -9.70
CA PHE A 208 2.05 -11.57 -10.73
C PHE A 208 2.21 -10.08 -10.49
N TYR A 209 2.18 -9.33 -11.60
CA TYR A 209 2.18 -7.87 -11.57
C TYR A 209 1.50 -7.42 -12.85
N PRO A 210 0.62 -6.40 -12.80
CA PRO A 210 0.21 -5.59 -11.64
C PRO A 210 -0.62 -6.36 -10.62
N ALA A 211 -0.93 -5.71 -9.50
CA ALA A 211 -1.60 -6.40 -8.41
C ALA A 211 -3.05 -6.73 -8.72
N GLU A 212 -3.68 -6.00 -9.63
CA GLU A 212 -5.07 -6.27 -10.02
C GLU A 212 -5.18 -7.67 -10.60
N ILE A 213 -6.14 -8.44 -10.08
CA ILE A 213 -6.37 -9.81 -10.53
C ILE A 213 -7.77 -10.20 -10.10
N THR A 214 -8.35 -11.18 -10.78
CA THR A 214 -9.67 -11.70 -10.41
C THR A 214 -9.62 -13.22 -10.41
N LEU A 215 -9.84 -13.81 -9.23
CA LEU A 215 -10.00 -15.25 -9.05
C LEU A 215 -11.46 -15.54 -8.77
N THR A 216 -12.03 -16.48 -9.54
CA THR A 216 -13.43 -16.87 -9.39
C THR A 216 -13.53 -18.38 -9.47
N TRP A 217 -14.52 -18.92 -8.77
CA TRP A 217 -14.85 -20.34 -8.84
C TRP A 217 -16.11 -20.51 -9.66
N GLN A 218 -16.15 -21.57 -10.45
CA GLN A 218 -17.39 -22.00 -11.09
C GLN A 218 -17.64 -23.46 -10.76
N ARG A 219 -18.90 -23.79 -10.46
CA ARG A 219 -19.34 -25.16 -10.24
C ARG A 219 -20.21 -25.55 -11.42
N ASP A 220 -19.77 -26.56 -12.17
CA ASP A 220 -20.49 -27.03 -13.35
C ASP A 220 -20.93 -25.88 -14.26
N GLY A 221 -20.04 -24.89 -14.46
CA GLY A 221 -20.23 -23.86 -15.45
C GLY A 221 -20.75 -22.54 -14.93
N GLU A 222 -21.25 -22.49 -13.70
CA GLU A 222 -21.86 -21.29 -13.15
C GLU A 222 -21.05 -20.81 -11.94
N ASP A 223 -20.96 -19.49 -11.78
CA ASP A 223 -20.18 -18.90 -10.69
C ASP A 223 -20.60 -19.47 -9.34
N GLN A 224 -19.60 -19.76 -8.50
CA GLN A 224 -19.83 -20.26 -7.15
C GLN A 224 -19.22 -19.29 -6.16
N THR A 225 -20.06 -18.74 -5.28
CA THR A 225 -19.59 -17.86 -4.22
C THR A 225 -19.88 -18.41 -2.83
N GLN A 226 -20.90 -19.24 -2.68
CA GLN A 226 -21.16 -19.85 -1.38
C GLN A 226 -20.01 -20.79 -1.07
N ASP A 227 -19.66 -20.84 0.22
CA ASP A 227 -18.63 -21.75 0.71
C ASP A 227 -17.24 -21.41 0.16
N THR A 228 -17.01 -20.15 -0.20
CA THR A 228 -15.72 -19.69 -0.68
C THR A 228 -15.07 -18.71 0.28
N GLU A 229 -13.74 -18.61 0.17
CA GLU A 229 -12.94 -17.64 0.91
C GLU A 229 -11.90 -17.06 -0.03
N LEU A 230 -11.62 -15.76 0.12
CA LEU A 230 -10.69 -15.06 -0.75
C LEU A 230 -9.84 -14.14 0.12
N VAL A 231 -8.51 -14.32 0.12
CA VAL A 231 -7.65 -13.40 0.85
C VAL A 231 -7.40 -12.15 0.03
N GLU A 232 -7.16 -11.05 0.73
CA GLU A 232 -6.81 -9.82 0.04
C GLU A 232 -5.47 -10.00 -0.67
N THR A 233 -5.36 -9.39 -1.84
CA THR A 233 -4.09 -9.44 -2.57
C THR A 233 -2.97 -8.86 -1.73
N ARG A 234 -1.83 -9.55 -1.75
CA ARG A 234 -0.74 -9.20 -0.85
C ARG A 234 0.59 -9.16 -1.60
N PRO A 235 1.51 -8.30 -1.17
CA PRO A 235 2.81 -8.20 -1.83
C PRO A 235 3.76 -9.33 -1.43
N ALA A 236 4.44 -9.89 -2.43
CA ALA A 236 5.42 -10.93 -2.14
C ALA A 236 6.72 -10.38 -1.58
N GLY A 237 6.99 -9.08 -1.77
CA GLY A 237 8.20 -8.46 -1.32
C GLY A 237 9.22 -8.22 -2.40
N ASP A 238 8.99 -8.78 -3.60
CA ASP A 238 9.93 -8.69 -4.71
C ASP A 238 9.39 -7.91 -5.89
N GLY A 239 8.28 -7.19 -5.70
CA GLY A 239 7.62 -6.49 -6.77
C GLY A 239 6.38 -7.18 -7.28
N THR A 240 6.24 -8.48 -7.01
CA THR A 240 5.07 -9.24 -7.45
C THR A 240 4.09 -9.41 -6.29
N PHE A 241 2.92 -9.94 -6.64
CA PHE A 241 1.84 -10.08 -5.68
C PHE A 241 1.34 -11.52 -5.65
N GLN A 242 0.50 -11.80 -4.65
CA GLN A 242 -0.05 -13.13 -4.41
C GLN A 242 -1.52 -13.01 -4.05
N LYS A 243 -2.27 -14.05 -4.36
CA LYS A 243 -3.65 -14.13 -3.94
C LYS A 243 -4.06 -15.59 -4.02
N TRP A 244 -5.01 -15.99 -3.17
CA TRP A 244 -5.63 -17.29 -3.32
C TRP A 244 -7.12 -17.20 -3.07
N ALA A 245 -7.83 -18.19 -3.62
CA ALA A 245 -9.26 -18.34 -3.42
C ALA A 245 -9.52 -19.80 -3.10
N ALA A 246 -10.38 -20.05 -2.12
CA ALA A 246 -10.66 -21.41 -1.72
C ALA A 246 -12.15 -21.66 -1.75
N VAL A 247 -12.52 -22.93 -1.93
CA VAL A 247 -13.90 -23.38 -1.91
C VAL A 247 -13.95 -24.72 -1.17
N VAL A 248 -15.00 -24.91 -0.37
CA VAL A 248 -15.24 -26.20 0.28
C VAL A 248 -16.24 -26.96 -0.57
N VAL A 249 -15.93 -28.23 -0.85
CA VAL A 249 -16.70 -29.04 -1.81
C VAL A 249 -16.89 -30.44 -1.26
N PRO A 250 -17.87 -31.18 -1.79
CA PRO A 250 -17.99 -32.58 -1.38
C PRO A 250 -16.77 -33.35 -1.85
N SER A 251 -16.16 -34.09 -0.92
CA SER A 251 -14.96 -34.82 -1.27
C SER A 251 -15.23 -35.76 -2.43
N GLY A 252 -14.31 -35.77 -3.40
CA GLY A 252 -14.48 -36.58 -4.58
C GLY A 252 -15.21 -35.91 -5.71
N GLU A 253 -15.83 -34.74 -5.47
CA GLU A 253 -16.54 -34.02 -6.52
C GLU A 253 -15.77 -32.81 -7.02
N GLU A 254 -14.44 -32.81 -6.81
CA GLU A 254 -13.62 -31.64 -7.17
C GLU A 254 -13.65 -31.33 -8.67
N GLN A 255 -13.95 -32.33 -9.51
CA GLN A 255 -13.91 -32.13 -10.95
C GLN A 255 -14.92 -31.10 -11.42
N ARG A 256 -15.95 -30.82 -10.61
CA ARG A 256 -16.98 -29.86 -10.99
C ARG A 256 -16.56 -28.42 -10.78
N TYR A 257 -15.46 -28.17 -10.07
CA TYR A 257 -15.12 -26.85 -9.60
C TYR A 257 -13.87 -26.35 -10.31
N THR A 258 -14.00 -25.27 -11.06
CA THR A 258 -12.90 -24.71 -11.82
C THR A 258 -12.55 -23.33 -11.29
N CYS A 259 -11.26 -23.11 -11.04
CA CYS A 259 -10.70 -21.79 -10.80
C CYS A 259 -10.47 -21.05 -12.11
N HIS A 260 -10.99 -19.82 -12.19
CA HIS A 260 -10.76 -18.93 -13.30
C HIS A 260 -9.89 -17.78 -12.85
N VAL A 261 -8.82 -17.51 -13.60
CA VAL A 261 -7.84 -16.50 -13.23
C VAL A 261 -7.78 -15.48 -14.36
N GLN A 262 -8.10 -14.23 -14.03
CA GLN A 262 -8.06 -13.13 -14.98
C GLN A 262 -6.96 -12.17 -14.57
N HIS A 263 -6.07 -11.84 -15.51
CA HIS A 263 -4.97 -10.94 -15.23
C HIS A 263 -4.49 -10.34 -16.54
N GLU A 264 -4.07 -9.08 -16.49
CA GLU A 264 -3.68 -8.34 -17.68
C GLU A 264 -2.52 -9.02 -18.42
N GLY A 265 -1.66 -9.72 -17.69
CA GLY A 265 -0.55 -10.44 -18.28
C GLY A 265 -0.91 -11.73 -18.97
N LEU A 266 -2.19 -12.13 -18.97
CA LEU A 266 -2.61 -13.37 -19.61
C LEU A 266 -3.31 -13.06 -20.92
N PRO A 267 -2.92 -13.71 -22.02
CA PRO A 267 -3.66 -13.52 -23.28
C PRO A 267 -5.11 -13.96 -23.19
N LYS A 268 -5.43 -14.88 -22.28
CA LYS A 268 -6.76 -15.43 -22.11
C LYS A 268 -6.81 -15.87 -20.65
N PRO A 269 -7.95 -15.72 -19.97
CA PRO A 269 -8.04 -16.18 -18.59
C PRO A 269 -7.69 -17.66 -18.49
N LEU A 270 -6.94 -17.99 -17.44
CA LEU A 270 -6.55 -19.37 -17.17
C LEU A 270 -7.66 -20.07 -16.40
N THR A 271 -7.81 -21.36 -16.65
CA THR A 271 -8.66 -22.20 -15.83
C THR A 271 -7.83 -23.37 -15.30
N LEU A 272 -8.15 -23.80 -14.09
CA LEU A 272 -7.45 -24.95 -13.54
C LEU A 272 -8.34 -25.66 -12.54
N ARG A 273 -8.06 -26.95 -12.36
CA ARG A 273 -8.76 -27.80 -11.44
C ARG A 273 -7.73 -28.62 -10.67
N TRP A 274 -8.18 -29.21 -9.57
CA TRP A 274 -7.38 -30.25 -8.93
C TRP A 274 -7.23 -31.42 -9.91
N ILE B 1 -12.96 6.56 13.46
CA ILE B 1 -11.93 7.19 14.27
C ILE B 1 -10.67 6.32 14.33
N GLN B 2 -10.85 5.05 14.72
CA GLN B 2 -9.74 4.11 14.81
C GLN B 2 -10.15 2.82 14.12
N ARG B 3 -9.20 2.21 13.43
CA ARG B 3 -9.44 0.99 12.67
C ARG B 3 -8.38 -0.04 13.04
N THR B 4 -8.84 -1.28 13.32
CA THR B 4 -7.93 -2.32 13.78
C THR B 4 -7.15 -2.93 12.61
N PRO B 5 -5.88 -3.25 12.81
CA PRO B 5 -5.07 -3.83 11.73
C PRO B 5 -5.58 -5.20 11.29
N LYS B 6 -5.59 -5.41 9.98
CA LYS B 6 -5.68 -6.73 9.38
C LYS B 6 -4.28 -7.27 9.15
N ILE B 7 -4.12 -8.58 9.30
CA ILE B 7 -2.81 -9.21 9.31
C ILE B 7 -2.83 -10.43 8.40
N GLN B 8 -1.83 -10.53 7.53
CA GLN B 8 -1.51 -11.76 6.81
C GLN B 8 -0.03 -12.06 7.03
N VAL B 9 0.27 -13.31 7.35
CA VAL B 9 1.65 -13.77 7.47
C VAL B 9 1.85 -14.94 6.50
N TYR B 10 2.94 -14.90 5.75
CA TYR B 10 3.08 -15.77 4.59
C TYR B 10 4.50 -15.63 4.07
N SER B 11 4.89 -16.57 3.21
CA SER B 11 6.23 -16.58 2.65
C SER B 11 6.22 -16.02 1.22
N ARG B 12 7.38 -15.52 0.79
CA ARG B 12 7.49 -14.95 -0.55
C ARG B 12 7.35 -16.05 -1.61
N HIS B 13 7.98 -17.18 -1.38
CA HIS B 13 7.92 -18.35 -2.24
C HIS B 13 7.30 -19.51 -1.47
N PRO B 14 6.68 -20.47 -2.15
CA PRO B 14 6.18 -21.65 -1.44
C PRO B 14 7.28 -22.30 -0.63
N ALA B 15 6.97 -22.61 0.63
CA ALA B 15 7.97 -23.06 1.58
C ALA B 15 8.50 -24.44 1.22
N GLU B 16 9.81 -24.60 1.35
CA GLU B 16 10.45 -25.91 1.29
C GLU B 16 11.46 -25.96 2.43
N ASN B 17 11.31 -26.94 3.31
CA ASN B 17 12.21 -27.08 4.45
C ASN B 17 13.66 -27.10 4.00
N GLY B 18 14.49 -26.27 4.62
CA GLY B 18 15.89 -26.19 4.29
C GLY B 18 16.24 -25.23 3.18
N LYS B 19 15.26 -24.64 2.50
CA LYS B 19 15.50 -23.69 1.42
C LYS B 19 15.19 -22.29 1.90
N SER B 20 16.13 -21.37 1.70
CA SER B 20 15.96 -20.00 2.17
C SER B 20 14.83 -19.31 1.40
N ASN B 21 14.18 -18.36 2.07
CA ASN B 21 12.95 -17.76 1.62
C ASN B 21 12.84 -16.40 2.30
N PHE B 22 11.69 -15.75 2.18
CA PHE B 22 11.39 -14.55 2.94
C PHE B 22 10.06 -14.74 3.64
N LEU B 23 10.02 -14.32 4.90
CA LEU B 23 8.80 -14.37 5.70
C LEU B 23 8.23 -12.97 5.75
N ASN B 24 6.96 -12.83 5.37
CA ASN B 24 6.30 -11.53 5.30
C ASN B 24 5.19 -11.44 6.33
N CYS B 25 5.03 -10.24 6.90
CA CYS B 25 3.83 -9.91 7.64
C CYS B 25 3.29 -8.62 7.05
N TYR B 26 2.13 -8.71 6.40
CA TYR B 26 1.50 -7.57 5.75
C TYR B 26 0.37 -7.08 6.65
N VAL B 27 0.48 -5.84 7.12
CA VAL B 27 -0.46 -5.25 8.07
C VAL B 27 -1.12 -4.07 7.39
N SER B 28 -2.45 -4.05 7.39
CA SER B 28 -3.18 -3.08 6.59
C SER B 28 -4.48 -2.69 7.29
N GLY B 29 -5.13 -1.68 6.74
CA GLY B 29 -6.44 -1.30 7.23
C GLY B 29 -6.48 -0.62 8.58
N PHE B 30 -5.35 -0.11 9.07
CA PHE B 30 -5.32 0.41 10.44
C PHE B 30 -5.23 1.93 10.50
N HIS B 31 -5.70 2.48 11.62
CA HIS B 31 -5.58 3.92 11.88
C HIS B 31 -5.77 4.07 13.37
N PRO B 32 -4.95 4.88 14.07
CA PRO B 32 -3.86 5.73 13.55
C PRO B 32 -2.59 4.94 13.20
N SER B 33 -1.53 5.68 12.85
CA SER B 33 -0.37 5.06 12.21
C SER B 33 0.56 4.38 13.18
N ASP B 34 0.58 4.77 14.45
CA ASP B 34 1.52 4.17 15.39
C ASP B 34 1.21 2.68 15.55
N ILE B 35 2.23 1.84 15.39
CA ILE B 35 2.00 0.40 15.40
C ILE B 35 3.30 -0.32 15.72
N GLU B 36 3.17 -1.49 16.33
CA GLU B 36 4.30 -2.38 16.56
C GLU B 36 4.05 -3.65 15.76
N VAL B 37 5.01 -4.04 14.92
CA VAL B 37 4.93 -5.28 14.15
C VAL B 37 6.23 -6.03 14.33
N ASP B 38 6.12 -7.33 14.62
CA ASP B 38 7.30 -8.17 14.80
C ASP B 38 7.04 -9.54 14.20
N LEU B 39 8.10 -10.13 13.67
CA LEU B 39 8.07 -11.53 13.25
C LEU B 39 8.68 -12.36 14.37
N LEU B 40 8.02 -13.48 14.69
CA LEU B 40 8.43 -14.33 15.80
C LEU B 40 8.93 -15.66 15.26
N LYS B 41 10.01 -16.16 15.85
CA LYS B 41 10.53 -17.50 15.59
C LYS B 41 10.48 -18.26 16.91
N ASN B 42 9.62 -19.28 16.97
CA ASN B 42 9.38 -20.04 18.19
C ASN B 42 9.09 -19.12 19.37
N GLY B 43 8.26 -18.10 19.14
CA GLY B 43 7.84 -17.19 20.19
C GLY B 43 8.80 -16.06 20.51
N GLU B 44 9.94 -15.96 19.83
CA GLU B 44 10.95 -14.94 20.11
C GLU B 44 11.01 -13.96 18.95
N ARG B 45 11.17 -12.68 19.27
CA ARG B 45 11.23 -11.67 18.21
C ARG B 45 12.47 -11.84 17.36
N ILE B 46 12.28 -11.82 16.04
CA ILE B 46 13.41 -11.83 15.11
C ILE B 46 14.00 -10.43 15.05
N GLU B 47 15.34 -10.35 15.15
CA GLU B 47 15.98 -9.05 15.32
C GLU B 47 16.19 -8.31 14.01
N LYS B 48 16.52 -8.99 12.93
CA LYS B 48 16.79 -8.31 11.66
C LYS B 48 15.53 -8.38 10.78
N VAL B 49 14.62 -7.43 11.00
CA VAL B 49 13.39 -7.34 10.24
C VAL B 49 13.34 -5.97 9.59
N GLU B 50 13.10 -5.94 8.28
CA GLU B 50 12.96 -4.71 7.52
C GLU B 50 11.50 -4.44 7.24
N HIS B 51 11.20 -3.23 6.79
CA HIS B 51 9.83 -2.91 6.45
C HIS B 51 9.78 -1.80 5.41
N SER B 52 8.66 -1.77 4.71
CA SER B 52 8.37 -0.68 3.79
C SER B 52 8.03 0.60 4.55
N ASP B 53 7.96 1.69 3.82
CA ASP B 53 7.65 2.97 4.42
C ASP B 53 6.14 3.21 4.42
N LEU B 54 5.70 4.04 5.38
CA LEU B 54 4.28 4.21 5.65
C LEU B 54 3.54 4.82 4.47
N SER B 55 2.50 4.12 4.02
CA SER B 55 1.61 4.56 2.96
C SER B 55 0.19 4.23 3.38
N PHE B 56 -0.79 4.59 2.54
CA PHE B 56 -2.17 4.36 2.92
C PHE B 56 -3.04 4.20 1.69
N SER B 57 -4.19 3.56 1.91
CA SER B 57 -5.19 3.30 0.88
C SER B 57 -6.12 4.51 0.72
N LYS B 58 -7.04 4.42 -0.24
CA LYS B 58 -7.89 5.56 -0.53
C LYS B 58 -8.89 5.83 0.58
N ASP B 59 -9.17 4.83 1.42
CA ASP B 59 -9.97 5.00 2.63
C ASP B 59 -9.16 5.55 3.80
N TRP B 60 -7.90 5.92 3.57
CA TRP B 60 -6.99 6.54 4.51
C TRP B 60 -6.37 5.55 5.50
N SER B 61 -6.75 4.28 5.47
CA SER B 61 -6.12 3.34 6.37
C SER B 61 -4.70 3.02 5.90
N PHE B 62 -3.80 2.81 6.86
CA PHE B 62 -2.38 2.61 6.59
C PHE B 62 -2.08 1.15 6.30
N TYR B 63 -0.96 0.92 5.59
CA TYR B 63 -0.46 -0.43 5.39
C TYR B 63 1.07 -0.43 5.41
N LEU B 64 1.63 -1.57 5.83
CA LEU B 64 3.07 -1.76 5.90
C LEU B 64 3.37 -3.23 5.62
N LEU B 65 4.53 -3.48 5.00
CA LEU B 65 5.03 -4.84 4.85
C LEU B 65 6.29 -4.96 5.70
N TYR B 66 6.31 -5.94 6.61
CA TYR B 66 7.49 -6.30 7.37
C TYR B 66 8.02 -7.63 6.82
N TYR B 67 9.34 -7.77 6.74
CA TYR B 67 9.86 -8.98 6.09
C TYR B 67 11.27 -9.28 6.58
N THR B 68 11.64 -10.56 6.48
CA THR B 68 12.98 -11.01 6.87
C THR B 68 13.34 -12.28 6.11
N GLU B 69 14.64 -12.50 5.93
CA GLU B 69 15.12 -13.75 5.38
C GLU B 69 14.91 -14.87 6.39
N PHE B 70 14.51 -16.05 5.90
CA PHE B 70 14.41 -17.21 6.78
C PHE B 70 14.49 -18.49 5.96
N THR B 71 14.78 -19.58 6.67
CA THR B 71 14.84 -20.91 6.08
C THR B 71 13.87 -21.78 6.86
N PRO B 72 12.72 -22.14 6.29
CA PRO B 72 11.77 -22.98 7.04
C PRO B 72 12.37 -24.32 7.36
N THR B 73 12.04 -24.83 8.55
CA THR B 73 12.35 -26.20 8.94
C THR B 73 11.08 -26.83 9.50
N GLU B 74 11.19 -28.12 9.85
CA GLU B 74 10.06 -28.80 10.47
C GLU B 74 9.84 -28.31 11.90
N LYS B 75 10.94 -28.08 12.64
CA LYS B 75 10.81 -27.80 14.06
C LYS B 75 10.28 -26.39 14.32
N ASP B 76 10.68 -25.42 13.48
CA ASP B 76 10.52 -24.02 13.82
C ASP B 76 9.12 -23.51 13.49
N GLU B 77 8.52 -22.80 14.44
CA GLU B 77 7.22 -22.16 14.25
C GLU B 77 7.40 -20.66 14.09
N TYR B 78 6.68 -20.07 13.14
CA TYR B 78 6.80 -18.66 12.86
C TYR B 78 5.44 -17.98 13.00
N ALA B 79 5.48 -16.70 13.39
CA ALA B 79 4.24 -15.95 13.61
C ALA B 79 4.54 -14.46 13.44
N CYS B 80 3.46 -13.69 13.31
CA CYS B 80 3.56 -12.24 13.30
C CYS B 80 2.78 -11.70 14.49
N ARG B 81 3.38 -10.74 15.20
CA ARG B 81 2.76 -10.12 16.36
C ARG B 81 2.55 -8.64 16.05
N VAL B 82 1.35 -8.14 16.33
CA VAL B 82 1.00 -6.77 16.06
C VAL B 82 0.42 -6.17 17.32
N ASN B 83 0.88 -4.98 17.68
CA ASN B 83 0.25 -4.20 18.74
C ASN B 83 -0.16 -2.85 18.18
N HIS B 84 -1.31 -2.37 18.67
CA HIS B 84 -1.93 -1.15 18.15
C HIS B 84 -2.93 -0.69 19.19
N VAL B 85 -3.24 0.62 19.17
CA VAL B 85 -4.13 1.20 20.17
C VAL B 85 -5.51 0.53 20.19
N THR B 86 -5.95 0.00 19.05
CA THR B 86 -7.26 -0.66 18.95
C THR B 86 -7.28 -2.04 19.60
N LEU B 87 -6.14 -2.60 19.97
CA LEU B 87 -6.08 -3.98 20.43
C LEU B 87 -5.99 -4.05 21.95
N SER B 88 -6.83 -4.91 22.55
CA SER B 88 -6.79 -5.09 24.00
C SER B 88 -5.56 -5.88 24.44
N GLN B 89 -5.03 -6.71 23.56
CA GLN B 89 -3.77 -7.42 23.76
C GLN B 89 -3.13 -7.58 22.39
N PRO B 90 -1.82 -7.79 22.33
CA PRO B 90 -1.18 -8.01 21.03
C PRO B 90 -1.85 -9.16 20.28
N LYS B 91 -1.96 -9.02 18.97
CA LYS B 91 -2.54 -10.03 18.12
C LYS B 91 -1.42 -10.84 17.50
N ILE B 92 -1.47 -12.16 17.67
CA ILE B 92 -0.42 -13.04 17.17
C ILE B 92 -1.04 -13.99 16.16
N VAL B 93 -0.52 -13.99 14.94
CA VAL B 93 -1.04 -14.83 13.87
C VAL B 93 0.05 -15.80 13.46
N LYS B 94 -0.25 -17.10 13.53
CA LYS B 94 0.73 -18.11 13.18
C LYS B 94 0.84 -18.22 11.66
N TRP B 95 2.06 -18.45 11.20
CA TRP B 95 2.28 -18.73 9.78
C TRP B 95 1.80 -20.14 9.44
N ASP B 96 1.08 -20.26 8.33
CA ASP B 96 0.64 -21.54 7.79
C ASP B 96 1.12 -21.59 6.34
N ARG B 97 1.83 -22.67 5.99
CA ARG B 97 2.53 -22.74 4.71
C ARG B 97 1.62 -22.77 3.50
N ASP B 98 0.34 -23.15 3.65
CA ASP B 98 -0.61 -23.09 2.55
C ASP B 98 -1.66 -22.01 2.75
N MET B 99 -1.30 -20.90 3.39
CA MET B 99 -2.23 -19.79 3.50
C MET B 99 -1.53 -18.48 3.21
N LYS C 1 9.40 13.60 -9.32
CA LYS C 1 9.63 14.78 -8.52
C LYS C 1 8.32 15.23 -7.87
N THR C 2 8.45 15.80 -6.67
CA THR C 2 7.29 16.22 -5.90
C THR C 2 6.69 17.52 -6.42
N PHE C 3 5.39 17.66 -6.17
CA PHE C 3 4.69 18.93 -6.22
C PHE C 3 5.25 19.85 -5.14
N PRO C 4 5.33 21.15 -5.38
CA PRO C 4 5.70 22.10 -4.32
C PRO C 4 4.69 22.06 -3.18
N PRO C 5 4.98 22.73 -2.06
CA PRO C 5 4.09 22.61 -0.89
C PRO C 5 2.66 23.00 -1.23
N THR C 6 1.72 22.22 -0.69
CA THR C 6 0.31 22.49 -0.87
C THR C 6 -0.04 23.86 -0.26
N GLU C 7 -1.13 24.44 -0.75
CA GLU C 7 -1.58 25.71 -0.20
C GLU C 7 -2.09 25.51 1.23
N PRO C 8 -1.77 26.42 2.17
CA PRO C 8 -2.20 26.22 3.55
C PRO C 8 -3.72 26.07 3.66
N LYS C 9 -4.12 25.18 4.54
CA LYS C 9 -5.54 24.90 4.73
C LYS C 9 -6.26 25.99 5.50
#